data_1EBP
#
_entry.id   1EBP
#
_cell.length_a   59.240
_cell.length_b   75.500
_cell.length_c   132.180
_cell.angle_alpha   90.00
_cell.angle_beta   90.00
_cell.angle_gamma   90.00
#
_symmetry.space_group_name_H-M   'P 21 21 21'
#
loop_
_entity.id
_entity.type
_entity.pdbx_description
1 polymer 'EPO RECEPTOR'
2 polymer 'EPO MIMETICS PEPTIDE 1'
#
loop_
_entity_poly.entity_id
_entity_poly.type
_entity_poly.pdbx_seq_one_letter_code
_entity_poly.pdbx_strand_id
1 'polypeptide(L)'
;KFESKAALLAARGPEELLCFTERLEDLVCFWEEAASAGVGPGNYSFSYQLEDEPWKLCRLHQAPTARGAVRFWCSLPTAD
TSSFVPLELRVTAASGAPRYHRVIHINEVVLLDAPVGLVARLADESGHVVLRWLPPPETPMTSHIRYEVDVSAGNGAGSV
QRVEILEGRTECVLSNLRGRTRYTFAVRARMAEPSFGGFWSAWSEPVSLLT
;
A,B
2 'polypeptide(L)' GGTYSCHFGPLTWVCKPQGG C,D
#
# COMPACT_ATOMS: atom_id res chain seq x y z
N LYS A 1 17.43 -34.03 -8.50
CA LYS A 1 17.77 -35.17 -7.64
C LYS A 1 17.99 -34.82 -6.15
N PHE A 2 19.21 -34.45 -5.75
CA PHE A 2 19.48 -34.16 -4.35
C PHE A 2 18.33 -33.54 -3.57
N GLU A 3 17.79 -32.42 -4.06
CA GLU A 3 16.69 -31.78 -3.33
C GLU A 3 15.50 -32.70 -3.31
N SER A 4 15.32 -33.46 -4.38
CA SER A 4 14.21 -34.41 -4.45
C SER A 4 14.35 -35.53 -3.40
N LYS A 5 15.50 -36.22 -3.41
CA LYS A 5 15.79 -37.31 -2.47
C LYS A 5 15.81 -36.82 -1.02
N ALA A 6 16.32 -35.61 -0.84
CA ALA A 6 16.37 -34.97 0.48
C ALA A 6 14.93 -34.75 0.88
N ALA A 7 14.16 -34.26 -0.08
CA ALA A 7 12.76 -34.05 0.14
C ALA A 7 12.17 -35.38 0.56
N LEU A 8 12.47 -36.44 -0.21
CA LEU A 8 11.95 -37.79 0.02
C LEU A 8 12.26 -38.42 1.37
N LEU A 9 13.28 -37.93 2.06
CA LEU A 9 13.66 -38.48 3.36
C LEU A 9 13.22 -37.59 4.49
N ALA A 10 12.63 -36.45 4.16
CA ALA A 10 12.18 -35.49 5.18
C ALA A 10 11.15 -36.13 6.14
N ALA A 11 10.76 -35.30 7.12
CA ALA A 11 9.79 -35.68 8.18
C ALA A 11 8.36 -35.57 7.67
N ARG A 12 7.41 -35.55 8.59
CA ARG A 12 5.99 -35.45 8.25
C ARG A 12 5.09 -35.27 9.47
N GLY A 13 4.12 -34.40 9.27
CA GLY A 13 3.09 -34.10 10.26
C GLY A 13 1.87 -34.96 9.92
N PRO A 14 0.71 -34.84 10.58
CA PRO A 14 -0.48 -35.60 10.29
C PRO A 14 -1.14 -35.05 9.07
N GLU A 15 -2.40 -35.63 8.86
CA GLU A 15 -3.38 -35.21 7.81
C GLU A 15 -3.77 -33.75 8.03
N GLU A 16 -3.86 -33.02 6.94
CA GLU A 16 -4.20 -31.59 6.98
C GLU A 16 -4.73 -31.13 5.63
N LEU A 17 -5.89 -30.50 5.68
CA LEU A 17 -6.52 -29.95 4.47
C LEU A 17 -5.73 -28.74 4.01
N LEU A 18 -5.22 -28.76 2.78
CA LEU A 18 -4.43 -27.66 2.27
C LEU A 18 -5.01 -26.93 1.05
N CYS A 19 -5.23 -25.63 1.22
CA CYS A 19 -5.79 -24.77 0.19
C CYS A 19 -4.83 -23.60 -0.04
N PHE A 20 -4.87 -23.03 -1.24
CA PHE A 20 -4.06 -21.89 -1.61
C PHE A 20 -4.62 -21.23 -2.90
N THR A 21 -4.35 -19.92 -3.09
CA THR A 21 -4.77 -19.16 -4.29
C THR A 21 -3.47 -18.67 -4.97
N GLU A 22 -3.46 -18.55 -6.29
CA GLU A 22 -2.24 -18.15 -7.02
C GLU A 22 -2.27 -16.78 -7.66
N ARG A 23 -3.37 -16.53 -8.36
CA ARG A 23 -3.67 -15.24 -8.97
C ARG A 23 -4.87 -14.96 -8.08
N LEU A 24 -5.56 -13.84 -8.17
CA LEU A 24 -6.63 -13.80 -7.19
C LEU A 24 -8.09 -14.20 -7.55
N GLU A 25 -8.21 -15.13 -8.49
CA GLU A 25 -9.50 -15.67 -8.94
C GLU A 25 -9.40 -17.21 -9.11
N ASP A 26 -8.91 -17.91 -8.10
CA ASP A 26 -8.72 -19.35 -8.16
C ASP A 26 -8.44 -19.92 -6.75
N LEU A 27 -8.72 -21.20 -6.52
CA LEU A 27 -8.46 -21.81 -5.24
C LEU A 27 -8.22 -23.29 -5.50
N VAL A 28 -7.23 -23.87 -4.83
CA VAL A 28 -6.93 -25.27 -4.98
C VAL A 28 -6.90 -25.80 -3.56
N CYS A 29 -7.53 -26.95 -3.30
CA CYS A 29 -7.51 -27.58 -1.98
C CYS A 29 -7.19 -29.04 -2.18
N PHE A 30 -6.42 -29.61 -1.26
CA PHE A 30 -6.01 -31.01 -1.38
C PHE A 30 -5.55 -31.59 -0.05
N TRP A 31 -5.43 -32.90 0.03
CA TRP A 31 -4.93 -33.59 1.21
C TRP A 31 -4.29 -34.90 0.72
N GLU A 32 -3.23 -35.32 1.39
CA GLU A 32 -2.58 -36.56 1.00
C GLU A 32 -2.85 -37.72 2.00
N GLU A 33 -2.61 -38.94 1.54
CA GLU A 33 -2.78 -40.14 2.38
C GLU A 33 -2.13 -41.35 1.70
N ALA A 34 -2.27 -42.53 2.29
CA ALA A 34 -1.67 -43.78 1.76
C ALA A 34 -2.46 -44.46 0.64
N ALA A 35 -1.77 -45.10 -0.31
CA ALA A 35 -2.43 -45.79 -1.43
C ALA A 35 -3.44 -46.78 -0.91
N SER A 36 -4.49 -47.03 -1.67
CA SER A 36 -5.45 -48.01 -1.21
C SER A 36 -6.09 -48.84 -2.30
N ALA A 37 -6.14 -50.14 -2.03
CA ALA A 37 -6.71 -51.12 -2.93
C ALA A 37 -8.18 -50.78 -2.91
N GLY A 38 -8.66 -50.32 -4.07
CA GLY A 38 -10.05 -49.94 -4.19
C GLY A 38 -10.56 -48.68 -3.47
N VAL A 39 -9.89 -47.53 -3.69
CA VAL A 39 -10.31 -46.23 -3.14
C VAL A 39 -10.03 -45.22 -4.21
N GLY A 40 -11.05 -44.45 -4.53
CA GLY A 40 -10.91 -43.44 -5.55
C GLY A 40 -11.48 -42.11 -5.10
N PRO A 41 -11.39 -41.09 -5.95
CA PRO A 41 -11.94 -39.78 -5.60
C PRO A 41 -13.44 -39.86 -5.26
N GLY A 42 -14.13 -40.84 -5.85
CA GLY A 42 -15.54 -41.01 -5.59
C GLY A 42 -15.86 -41.58 -4.22
N ASN A 43 -14.87 -41.65 -3.34
CA ASN A 43 -15.12 -42.21 -2.02
C ASN A 43 -15.41 -41.14 -0.96
N TYR A 44 -15.23 -39.87 -1.32
CA TYR A 44 -15.51 -38.74 -0.41
C TYR A 44 -16.22 -37.67 -1.19
N SER A 45 -16.91 -36.79 -0.47
CA SER A 45 -17.61 -35.67 -1.06
C SER A 45 -16.98 -34.38 -0.55
N PHE A 46 -16.62 -33.50 -1.47
CA PHE A 46 -15.99 -32.22 -1.13
C PHE A 46 -16.96 -31.07 -1.36
N SER A 47 -17.52 -30.56 -0.29
CA SER A 47 -18.43 -29.43 -0.43
C SER A 47 -18.01 -28.13 0.27
N TYR A 48 -18.44 -27.02 -0.31
CA TYR A 48 -18.11 -25.72 0.23
C TYR A 48 -19.31 -24.77 0.41
N GLN A 49 -19.12 -23.73 1.19
CA GLN A 49 -20.18 -22.76 1.38
C GLN A 49 -19.60 -21.37 1.51
N LEU A 50 -19.70 -20.62 0.44
CA LEU A 50 -19.22 -19.25 0.42
C LEU A 50 -20.35 -18.49 1.13
N GLU A 51 -20.04 -17.91 2.27
CA GLU A 51 -21.05 -17.23 3.12
C GLU A 51 -22.25 -16.62 2.36
N ASP A 52 -23.41 -17.17 2.72
CA ASP A 52 -24.74 -16.77 2.22
C ASP A 52 -24.95 -17.08 0.73
N GLU A 53 -24.18 -18.02 0.27
CA GLU A 53 -24.35 -18.69 -1.02
C GLU A 53 -24.69 -20.10 -0.46
N PRO A 54 -25.43 -20.92 -1.22
CA PRO A 54 -25.79 -22.26 -0.73
C PRO A 54 -24.64 -23.27 -0.87
N TRP A 55 -24.73 -24.37 -0.12
CA TRP A 55 -23.71 -25.40 -0.18
C TRP A 55 -23.60 -25.96 -1.59
N LYS A 56 -22.37 -26.11 -2.04
CA LYS A 56 -22.09 -26.67 -3.36
C LYS A 56 -21.05 -27.76 -3.26
N LEU A 57 -20.79 -28.42 -4.38
CA LEU A 57 -19.82 -29.50 -4.41
C LEU A 57 -18.70 -29.30 -5.40
N CYS A 58 -17.52 -29.77 -5.04
CA CYS A 58 -16.39 -29.68 -5.94
C CYS A 58 -16.01 -31.14 -6.19
N ARG A 59 -15.66 -31.51 -7.43
CA ARG A 59 -15.28 -32.91 -7.74
C ARG A 59 -13.81 -33.15 -7.52
N LEU A 60 -13.50 -34.26 -6.85
CA LEU A 60 -12.15 -34.64 -6.53
C LEU A 60 -11.46 -35.34 -7.68
N HIS A 61 -10.14 -35.23 -7.64
CA HIS A 61 -9.23 -35.84 -8.56
C HIS A 61 -8.35 -36.57 -7.62
N GLN A 62 -7.49 -37.42 -8.17
CA GLN A 62 -6.56 -38.22 -7.38
C GLN A 62 -5.26 -38.34 -8.18
N ALA A 63 -4.15 -38.00 -7.53
CA ALA A 63 -2.83 -38.03 -8.17
C ALA A 63 -1.79 -38.65 -7.23
N PRO A 64 -0.90 -39.48 -7.80
CA PRO A 64 0.13 -40.11 -7.00
C PRO A 64 1.19 -39.10 -6.61
N THR A 65 1.66 -39.24 -5.38
CA THR A 65 2.70 -38.42 -4.76
C THR A 65 4.02 -39.17 -4.99
N ALA A 66 5.09 -38.45 -5.34
CA ALA A 66 6.40 -39.09 -5.51
C ALA A 66 6.71 -40.11 -4.43
N ARG A 67 6.30 -39.85 -3.19
CA ARG A 67 6.53 -40.75 -2.05
C ARG A 67 5.68 -42.01 -1.98
N GLY A 68 4.74 -42.19 -2.89
CA GLY A 68 3.91 -43.39 -2.82
C GLY A 68 2.61 -43.22 -2.03
N ALA A 69 2.22 -41.98 -1.81
CA ALA A 69 0.97 -41.69 -1.12
C ALA A 69 0.11 -41.10 -2.23
N VAL A 70 -1.20 -41.04 -2.01
CA VAL A 70 -2.13 -40.52 -3.01
C VAL A 70 -2.68 -39.14 -2.63
N ARG A 71 -2.89 -38.32 -3.64
CA ARG A 71 -3.35 -36.98 -3.41
C ARG A 71 -4.72 -36.64 -3.97
N PHE A 72 -5.60 -36.20 -3.08
CA PHE A 72 -6.93 -35.82 -3.49
C PHE A 72 -6.94 -34.33 -3.55
N TRP A 73 -7.44 -33.76 -4.65
CA TRP A 73 -7.52 -32.31 -4.80
C TRP A 73 -8.81 -31.95 -5.52
N CYS A 74 -8.98 -30.66 -5.81
CA CYS A 74 -10.14 -30.11 -6.52
C CYS A 74 -9.87 -28.62 -6.61
N SER A 75 -10.23 -27.99 -7.71
CA SER A 75 -10.00 -26.57 -7.82
C SER A 75 -11.33 -25.87 -7.97
N LEU A 76 -11.62 -24.92 -7.06
CA LEU A 76 -12.89 -24.19 -7.06
C LEU A 76 -13.19 -23.45 -8.33
N PRO A 77 -14.48 -23.33 -8.69
CA PRO A 77 -14.94 -22.61 -9.89
C PRO A 77 -14.74 -21.10 -9.69
N THR A 78 -14.36 -20.41 -10.75
CA THR A 78 -14.09 -18.99 -10.68
C THR A 78 -15.04 -18.06 -9.93
N ALA A 79 -16.34 -18.22 -10.14
CA ALA A 79 -17.35 -17.40 -9.47
C ALA A 79 -17.41 -17.64 -7.97
N ASP A 80 -16.53 -18.49 -7.47
CA ASP A 80 -16.54 -18.82 -6.06
C ASP A 80 -15.25 -18.44 -5.30
N THR A 81 -14.33 -17.78 -6.00
CA THR A 81 -13.09 -17.38 -5.39
C THR A 81 -13.10 -15.96 -4.81
N SER A 82 -14.21 -15.52 -4.22
CA SER A 82 -14.32 -14.17 -3.64
C SER A 82 -13.42 -14.00 -2.44
N SER A 83 -12.83 -12.81 -2.33
CA SER A 83 -11.84 -12.54 -1.30
C SER A 83 -12.07 -12.09 0.10
N PHE A 84 -13.19 -11.49 0.46
CA PHE A 84 -13.21 -11.02 1.87
C PHE A 84 -14.28 -11.62 2.78
N VAL A 85 -14.79 -12.76 2.34
CA VAL A 85 -15.84 -13.53 2.99
C VAL A 85 -15.30 -14.89 3.45
N PRO A 86 -15.92 -15.49 4.50
CA PRO A 86 -15.52 -16.79 5.05
C PRO A 86 -15.94 -17.89 4.11
N LEU A 87 -15.06 -18.86 3.88
CA LEU A 87 -15.33 -20.02 3.02
C LEU A 87 -15.40 -21.28 3.91
N GLU A 88 -16.58 -21.87 3.93
CA GLU A 88 -16.81 -23.08 4.70
C GLU A 88 -16.36 -24.30 3.91
N LEU A 89 -15.53 -25.14 4.51
CA LEU A 89 -15.02 -26.29 3.81
C LEU A 89 -15.32 -27.58 4.57
N ARG A 90 -15.66 -28.63 3.83
CA ARG A 90 -15.96 -29.91 4.44
C ARG A 90 -15.75 -31.10 3.48
N VAL A 91 -14.97 -32.07 3.91
CA VAL A 91 -14.71 -33.27 3.12
C VAL A 91 -15.34 -34.43 3.89
N THR A 92 -16.18 -35.22 3.24
CA THR A 92 -16.83 -36.38 3.91
C THR A 92 -16.78 -37.72 3.14
N ALA A 93 -16.69 -38.81 3.87
CA ALA A 93 -16.65 -40.15 3.28
C ALA A 93 -17.97 -40.43 2.59
N ALA A 94 -17.95 -41.32 1.59
CA ALA A 94 -19.14 -41.67 0.81
C ALA A 94 -20.08 -42.59 1.62
N SER A 95 -20.38 -42.16 2.83
CA SER A 95 -21.20 -42.89 3.76
C SER A 95 -21.51 -41.86 4.84
N GLY A 96 -21.22 -40.60 4.52
CA GLY A 96 -21.45 -39.50 5.45
C GLY A 96 -20.51 -39.47 6.61
N ALA A 97 -19.55 -40.39 6.63
CA ALA A 97 -18.56 -40.45 7.71
C ALA A 97 -17.67 -39.23 7.52
N PRO A 98 -17.58 -38.41 8.57
CA PRO A 98 -16.79 -37.17 8.61
C PRO A 98 -15.27 -37.26 8.48
N ARG A 99 -14.69 -36.42 7.62
CA ARG A 99 -13.25 -36.39 7.44
C ARG A 99 -12.62 -35.01 7.71
N TYR A 100 -12.94 -33.99 6.94
CA TYR A 100 -12.35 -32.65 7.18
C TYR A 100 -13.37 -31.53 7.25
N HIS A 101 -12.97 -30.45 7.91
CA HIS A 101 -13.76 -29.23 8.07
C HIS A 101 -12.82 -28.07 8.44
N ARG A 102 -12.71 -27.10 7.55
CA ARG A 102 -11.88 -25.92 7.73
C ARG A 102 -12.77 -24.74 7.34
N VAL A 103 -12.29 -23.53 7.58
CA VAL A 103 -12.98 -22.27 7.25
C VAL A 103 -11.82 -21.32 6.91
N ILE A 104 -11.84 -20.68 5.74
CA ILE A 104 -10.72 -19.82 5.33
C ILE A 104 -11.10 -18.48 4.67
N HIS A 105 -10.11 -17.80 4.10
CA HIS A 105 -10.26 -16.54 3.38
C HIS A 105 -9.26 -16.59 2.25
N ILE A 106 -9.72 -16.67 1.02
CA ILE A 106 -8.82 -16.75 -0.12
C ILE A 106 -7.73 -15.68 -0.12
N ASN A 107 -7.96 -14.52 0.49
CA ASN A 107 -6.97 -13.44 0.52
C ASN A 107 -5.84 -13.73 1.53
N GLU A 108 -6.13 -14.60 2.50
CA GLU A 108 -5.18 -14.96 3.54
C GLU A 108 -4.54 -16.28 3.24
N VAL A 109 -4.46 -16.64 1.97
CA VAL A 109 -3.92 -17.93 1.61
C VAL A 109 -3.28 -17.88 0.22
N VAL A 110 -2.63 -16.76 -0.05
CA VAL A 110 -1.97 -16.55 -1.33
C VAL A 110 -0.64 -17.31 -1.37
N LEU A 111 -0.37 -17.98 -2.49
CA LEU A 111 0.87 -18.74 -2.75
C LEU A 111 1.20 -18.45 -4.22
N LEU A 112 1.86 -17.32 -4.42
CA LEU A 112 2.21 -16.82 -5.74
C LEU A 112 3.26 -17.60 -6.51
N ASP A 113 3.33 -17.33 -7.80
CA ASP A 113 4.31 -18.00 -8.63
C ASP A 113 5.62 -17.26 -8.37
N ALA A 114 6.72 -17.82 -8.83
CA ALA A 114 8.00 -17.20 -8.59
C ALA A 114 8.32 -16.10 -9.55
N PRO A 115 9.10 -15.11 -9.06
CA PRO A 115 9.56 -13.96 -9.81
C PRO A 115 10.26 -14.40 -11.11
N VAL A 116 10.40 -13.49 -12.07
CA VAL A 116 11.05 -13.83 -13.32
C VAL A 116 12.02 -12.73 -13.77
N GLY A 117 12.79 -13.01 -14.82
CA GLY A 117 13.75 -12.08 -15.36
C GLY A 117 14.72 -11.48 -14.38
N LEU A 118 15.24 -12.27 -13.46
CA LEU A 118 16.21 -11.76 -12.48
C LEU A 118 17.60 -11.59 -13.13
N VAL A 119 18.13 -10.37 -13.05
CA VAL A 119 19.43 -10.04 -13.60
C VAL A 119 20.32 -9.34 -12.59
N ALA A 120 21.62 -9.57 -12.68
CA ALA A 120 22.58 -8.96 -11.76
C ALA A 120 23.53 -8.10 -12.58
N ARG A 121 23.92 -6.94 -12.04
CA ARG A 121 24.83 -6.06 -12.77
C ARG A 121 25.77 -5.26 -11.87
N LEU A 122 26.94 -4.96 -12.41
CA LEU A 122 27.92 -4.20 -11.64
C LEU A 122 27.85 -2.72 -12.00
N ALA A 123 27.31 -1.95 -11.08
CA ALA A 123 27.17 -0.50 -11.25
C ALA A 123 28.55 0.13 -11.40
N ASP A 124 29.01 0.11 -12.63
CA ASP A 124 30.32 0.65 -13.01
C ASP A 124 30.73 1.78 -12.04
N GLU A 125 30.03 2.87 -12.14
CA GLU A 125 30.34 4.11 -11.43
C GLU A 125 30.73 3.93 -9.94
N SER A 126 30.04 3.06 -9.19
CA SER A 126 30.28 2.96 -7.73
C SER A 126 30.93 1.63 -7.27
N GLY A 127 30.85 0.61 -8.10
CA GLY A 127 31.41 -0.73 -7.80
C GLY A 127 30.33 -1.64 -7.17
N HIS A 128 29.09 -1.17 -7.23
CA HIS A 128 27.93 -1.84 -6.59
C HIS A 128 27.21 -2.84 -7.53
N VAL A 129 26.63 -3.86 -6.90
CA VAL A 129 25.83 -4.87 -7.61
C VAL A 129 24.38 -4.46 -7.53
N VAL A 130 23.72 -4.43 -8.68
CA VAL A 130 22.31 -4.08 -8.77
C VAL A 130 21.53 -5.26 -9.38
N LEU A 131 20.55 -5.74 -8.60
CA LEU A 131 19.68 -6.85 -8.91
C LEU A 131 18.37 -6.31 -9.39
N ARG A 132 17.80 -6.96 -10.40
CA ARG A 132 16.53 -6.57 -11.00
C ARG A 132 15.70 -7.81 -11.29
N TRP A 133 14.38 -7.66 -11.33
CA TRP A 133 13.48 -8.75 -11.64
C TRP A 133 12.10 -8.22 -11.98
N LEU A 134 11.18 -9.11 -12.26
CA LEU A 134 9.81 -8.73 -12.59
C LEU A 134 8.92 -9.48 -11.61
N PRO A 135 7.67 -9.07 -11.49
CA PRO A 135 6.79 -9.77 -10.56
C PRO A 135 6.31 -11.09 -11.17
N PRO A 136 5.69 -11.95 -10.37
CA PRO A 136 5.20 -13.23 -10.90
C PRO A 136 4.34 -12.89 -12.12
N PRO A 137 4.56 -13.56 -13.26
CA PRO A 137 3.83 -13.32 -14.51
C PRO A 137 2.31 -13.46 -14.36
N GLU A 138 1.59 -12.48 -14.91
CA GLU A 138 0.13 -12.44 -14.88
C GLU A 138 -0.45 -12.30 -13.46
N THR A 139 0.31 -11.77 -12.52
CA THR A 139 -0.25 -11.57 -11.16
C THR A 139 -0.69 -10.11 -11.04
N PRO A 140 -1.95 -9.90 -10.56
CA PRO A 140 -2.53 -8.55 -10.38
C PRO A 140 -2.12 -8.05 -9.00
N MET A 141 -2.35 -6.78 -8.73
CA MET A 141 -1.99 -6.20 -7.43
C MET A 141 -0.49 -6.30 -7.10
N THR A 142 0.37 -5.99 -8.09
CA THR A 142 1.83 -6.07 -7.94
C THR A 142 2.54 -5.08 -7.03
N SER A 143 1.88 -4.00 -6.64
CA SER A 143 2.55 -3.05 -5.76
C SER A 143 2.32 -3.44 -4.31
N HIS A 144 1.77 -4.62 -4.08
CA HIS A 144 1.46 -5.11 -2.75
C HIS A 144 2.35 -6.28 -2.43
N ILE A 145 3.09 -6.70 -3.44
CA ILE A 145 3.96 -7.82 -3.30
C ILE A 145 5.29 -7.39 -2.69
N ARG A 146 5.75 -8.21 -1.76
CA ARG A 146 7.02 -8.06 -1.07
C ARG A 146 7.95 -9.12 -1.66
N TYR A 147 9.26 -8.85 -1.59
CA TYR A 147 10.29 -9.75 -2.12
C TYR A 147 11.39 -9.97 -1.09
N GLU A 148 12.03 -11.14 -1.14
CA GLU A 148 13.17 -11.45 -0.29
C GLU A 148 14.30 -11.92 -1.19
N VAL A 149 15.47 -11.34 -1.00
CA VAL A 149 16.64 -11.66 -1.78
C VAL A 149 17.61 -12.56 -1.02
N ASP A 150 18.00 -13.66 -1.67
CA ASP A 150 18.94 -14.60 -1.10
C ASP A 150 20.35 -14.41 -1.73
N VAL A 151 21.35 -14.28 -0.86
CA VAL A 151 22.74 -14.14 -1.29
C VAL A 151 23.48 -15.34 -0.72
N SER A 152 23.88 -16.19 -1.64
CA SER A 152 24.71 -17.37 -1.33
C SER A 152 26.04 -17.25 -2.15
N ALA A 153 27.15 -17.32 -1.40
CA ALA A 153 28.54 -17.08 -1.94
C ALA A 153 29.34 -18.36 -2.33
N GLY A 154 30.62 -18.08 -2.65
CA GLY A 154 31.64 -19.02 -3.21
C GLY A 154 32.25 -20.03 -2.20
N ASN A 155 32.70 -21.11 -2.84
CA ASN A 155 33.30 -22.33 -2.25
C ASN A 155 32.89 -22.51 -0.77
N GLY A 156 33.89 -22.43 0.10
CA GLY A 156 33.69 -22.63 1.55
C GLY A 156 33.16 -21.37 2.24
N ALA A 157 32.99 -20.34 1.44
CA ALA A 157 32.50 -19.05 1.94
C ALA A 157 31.02 -18.88 1.60
N GLY A 158 30.26 -18.97 2.65
CA GLY A 158 28.82 -18.82 2.62
C GLY A 158 28.34 -18.80 4.07
N SER A 159 27.92 -17.64 4.45
CA SER A 159 27.22 -17.42 5.71
C SER A 159 25.86 -17.19 5.12
N VAL A 160 24.83 -17.26 5.87
CA VAL A 160 23.50 -17.08 5.27
C VAL A 160 23.13 -15.58 5.23
N GLN A 161 23.04 -14.99 4.02
CA GLN A 161 22.70 -13.54 3.91
C GLN A 161 21.43 -13.24 3.08
N ARG A 162 20.35 -12.85 3.76
CA ARG A 162 19.07 -12.55 3.09
C ARG A 162 18.77 -11.03 3.12
N VAL A 163 17.87 -10.57 2.25
CA VAL A 163 17.55 -9.16 2.16
C VAL A 163 16.09 -8.89 2.00
N GLU A 164 15.55 -8.01 2.82
CA GLU A 164 14.16 -7.60 2.72
C GLU A 164 14.06 -6.38 1.80
N ILE A 165 13.15 -6.49 0.83
CA ILE A 165 12.85 -5.47 -0.15
C ILE A 165 11.41 -5.13 0.12
N LEU A 166 11.06 -3.85 0.11
CA LEU A 166 9.69 -3.47 0.40
C LEU A 166 8.78 -3.63 -0.79
N GLU A 167 7.49 -3.80 -0.51
CA GLU A 167 6.48 -3.99 -1.55
C GLU A 167 6.47 -2.96 -2.63
N GLY A 168 6.40 -3.45 -3.84
CA GLY A 168 6.39 -2.57 -4.99
C GLY A 168 7.75 -2.47 -5.61
N ARG A 169 8.81 -2.74 -4.84
CA ARG A 169 10.17 -2.65 -5.36
C ARG A 169 10.60 -3.90 -6.12
N THR A 170 11.16 -3.71 -7.30
CA THR A 170 11.62 -4.81 -8.12
C THR A 170 13.10 -4.59 -8.56
N GLU A 171 13.89 -4.04 -7.64
CA GLU A 171 15.30 -3.80 -7.83
C GLU A 171 15.93 -3.70 -6.46
N CYS A 172 17.23 -3.88 -6.39
CA CYS A 172 17.92 -3.80 -5.13
C CYS A 172 19.45 -3.67 -5.35
N VAL A 173 20.14 -2.79 -4.63
CA VAL A 173 21.59 -2.68 -4.85
C VAL A 173 22.45 -3.11 -3.66
N LEU A 174 23.07 -4.26 -3.85
CA LEU A 174 23.89 -4.84 -2.82
C LEU A 174 25.25 -4.18 -2.82
N SER A 175 25.51 -3.54 -1.71
CA SER A 175 26.75 -2.85 -1.50
C SER A 175 27.46 -3.65 -0.44
N ASN A 176 28.78 -3.61 -0.44
CA ASN A 176 29.52 -4.32 0.59
C ASN A 176 29.56 -5.89 0.53
N LEU A 177 30.29 -6.38 -0.48
CA LEU A 177 30.49 -7.81 -0.72
C LEU A 177 32.00 -7.92 -1.05
N ARG A 178 32.57 -9.11 -0.89
CA ARG A 178 34.00 -9.31 -1.14
C ARG A 178 34.33 -9.39 -2.63
N GLY A 179 35.57 -8.99 -2.92
CA GLY A 179 36.06 -8.96 -4.28
C GLY A 179 36.47 -10.32 -4.81
N ARG A 180 36.38 -10.47 -6.14
CA ARG A 180 36.70 -11.70 -6.86
C ARG A 180 35.91 -12.91 -6.36
N THR A 181 34.78 -12.68 -5.67
CA THR A 181 33.93 -13.76 -5.16
C THR A 181 32.83 -14.03 -6.17
N ARG A 182 32.22 -15.20 -6.08
CA ARG A 182 31.11 -15.60 -6.95
C ARG A 182 29.90 -15.49 -6.06
N TYR A 183 28.89 -14.79 -6.54
CA TYR A 183 27.68 -14.56 -5.81
C TYR A 183 26.56 -15.05 -6.67
N THR A 184 25.67 -15.81 -6.08
CA THR A 184 24.51 -16.34 -6.80
C THR A 184 23.34 -15.74 -6.07
N PHE A 185 22.43 -15.06 -6.78
CA PHE A 185 21.29 -14.43 -6.10
C PHE A 185 20.01 -15.04 -6.60
N ALA A 186 18.95 -14.95 -5.79
CA ALA A 186 17.63 -15.48 -6.12
C ALA A 186 16.54 -14.74 -5.32
N VAL A 187 15.35 -14.56 -5.90
CA VAL A 187 14.20 -13.86 -5.25
C VAL A 187 13.01 -14.78 -5.03
N ARG A 188 12.10 -14.36 -4.16
CA ARG A 188 10.87 -15.09 -3.88
C ARG A 188 9.85 -14.05 -3.37
N ALA A 189 8.58 -14.16 -3.79
CA ALA A 189 7.53 -13.19 -3.43
C ALA A 189 6.44 -13.57 -2.42
N ARG A 190 5.81 -12.54 -1.86
CA ARG A 190 4.75 -12.72 -0.88
C ARG A 190 3.77 -11.52 -0.84
N MET A 191 2.47 -11.78 -0.72
CA MET A 191 1.48 -10.70 -0.61
C MET A 191 1.67 -10.14 0.79
N ALA A 192 1.79 -8.80 0.86
CA ALA A 192 2.01 -8.09 2.11
C ALA A 192 0.76 -7.87 2.96
N GLU A 193 0.97 -7.52 4.22
CA GLU A 193 -0.13 -7.25 5.16
C GLU A 193 -0.71 -5.82 4.97
N PRO A 194 -1.91 -5.54 5.53
CA PRO A 194 -2.72 -6.46 6.33
C PRO A 194 -3.88 -6.91 5.47
N SER A 195 -3.85 -6.59 4.18
CA SER A 195 -4.93 -6.99 3.28
C SER A 195 -4.93 -8.50 2.96
N PHE A 196 -3.78 -8.95 2.46
CA PHE A 196 -3.57 -10.31 2.06
C PHE A 196 -2.57 -10.98 2.98
N GLY A 197 -2.57 -12.31 2.91
CA GLY A 197 -1.66 -13.11 3.71
C GLY A 197 -1.38 -14.39 2.96
N GLY A 198 -0.38 -15.15 3.40
CA GLY A 198 -0.11 -16.40 2.72
C GLY A 198 1.27 -16.96 2.87
N PHE A 199 1.75 -17.62 1.84
CA PHE A 199 3.04 -18.24 1.88
C PHE A 199 4.05 -17.63 0.91
N TRP A 200 5.31 -17.75 1.30
CA TRP A 200 6.41 -17.31 0.49
C TRP A 200 6.45 -18.23 -0.72
N SER A 201 6.76 -17.68 -1.88
CA SER A 201 6.81 -18.44 -3.11
C SER A 201 8.07 -19.27 -3.15
N ALA A 202 8.26 -19.92 -4.31
CA ALA A 202 9.43 -20.70 -4.59
C ALA A 202 10.52 -19.67 -5.00
N TRP A 203 11.77 -20.04 -4.98
CA TRP A 203 12.81 -19.11 -5.39
C TRP A 203 12.70 -18.93 -6.90
N SER A 204 13.37 -17.92 -7.46
CA SER A 204 13.36 -17.74 -8.91
C SER A 204 14.59 -18.40 -9.46
N GLU A 205 14.69 -18.56 -10.76
CA GLU A 205 15.92 -19.11 -11.25
C GLU A 205 16.89 -17.96 -10.94
N PRO A 206 18.06 -18.26 -10.38
CA PRO A 206 19.13 -17.32 -9.99
C PRO A 206 20.15 -16.88 -11.03
N VAL A 207 20.91 -15.85 -10.69
CA VAL A 207 21.96 -15.33 -11.56
C VAL A 207 23.17 -15.41 -10.68
N SER A 208 24.34 -15.49 -11.30
CA SER A 208 25.59 -15.55 -10.55
C SER A 208 26.53 -14.50 -11.13
N LEU A 209 27.28 -13.84 -10.25
CA LEU A 209 28.19 -12.76 -10.66
C LEU A 209 29.56 -12.83 -10.00
N LEU A 210 30.61 -12.61 -10.80
CA LEU A 210 32.00 -12.54 -10.30
C LEU A 210 32.14 -11.06 -9.95
N THR A 211 32.29 -10.72 -8.68
CA THR A 211 32.46 -9.33 -8.28
C THR A 211 33.65 -8.76 -9.04
N LYS B 1 4.50 37.16 15.70
CA LYS B 1 4.29 38.33 14.84
C LYS B 1 5.53 38.60 14.01
N PHE B 2 6.57 37.78 14.22
CA PHE B 2 7.76 37.90 13.39
C PHE B 2 7.35 37.04 12.21
N GLU B 3 7.02 35.78 12.52
CA GLU B 3 6.60 34.82 11.51
C GLU B 3 5.39 35.46 10.88
N SER B 4 4.54 36.02 11.73
CA SER B 4 3.32 36.72 11.30
C SER B 4 3.56 37.90 10.35
N LYS B 5 4.45 38.80 10.73
CA LYS B 5 4.76 39.95 9.89
C LYS B 5 5.52 39.58 8.64
N ALA B 6 6.17 38.42 8.63
CA ALA B 6 6.90 37.96 7.43
C ALA B 6 5.97 37.71 6.24
N ALA B 7 4.79 37.17 6.55
CA ALA B 7 3.75 36.81 5.59
C ALA B 7 3.14 38.03 4.94
N LEU B 8 2.73 39.01 5.73
CA LEU B 8 2.16 40.21 5.14
C LEU B 8 3.05 40.72 4.01
N LEU B 9 4.36 40.56 4.18
CA LEU B 9 5.36 41.03 3.24
C LEU B 9 5.80 40.06 2.15
N ALA B 10 5.64 38.76 2.39
CA ALA B 10 6.04 37.74 1.42
C ALA B 10 5.06 37.57 0.26
N ALA B 11 5.10 38.55 -0.66
CA ALA B 11 4.24 38.58 -1.85
C ALA B 11 4.35 37.43 -2.89
N ARG B 12 3.19 36.87 -3.19
CA ARG B 12 3.03 35.79 -4.16
C ARG B 12 2.76 36.45 -5.52
N GLY B 13 2.46 35.64 -6.53
CA GLY B 13 2.15 36.22 -7.82
C GLY B 13 0.66 36.07 -8.10
N PRO B 14 0.25 35.80 -9.38
CA PRO B 14 -1.14 35.61 -9.91
C PRO B 14 -2.21 34.90 -9.02
N GLU B 15 -3.46 35.18 -9.34
CA GLU B 15 -4.58 34.58 -8.62
C GLU B 15 -4.79 33.19 -9.24
N GLU B 16 -5.46 32.32 -8.49
CA GLU B 16 -5.74 30.98 -8.94
C GLU B 16 -6.86 30.43 -8.09
N LEU B 17 -7.69 29.53 -8.62
CA LEU B 17 -8.75 28.89 -7.84
C LEU B 17 -8.03 27.71 -7.15
N LEU B 18 -7.96 27.73 -5.83
CA LEU B 18 -7.24 26.71 -5.08
C LEU B 18 -8.14 25.80 -4.29
N CYS B 19 -8.03 24.49 -4.53
CA CYS B 19 -8.87 23.48 -3.87
C CYS B 19 -8.01 22.51 -3.10
N PHE B 20 -8.54 22.01 -1.99
CA PHE B 20 -7.85 21.03 -1.18
C PHE B 20 -8.79 20.23 -0.28
N THR B 21 -8.33 19.05 0.15
CA THR B 21 -9.12 18.19 1.03
C THR B 21 -8.24 17.76 2.22
N GLU B 22 -8.83 17.68 3.40
CA GLU B 22 -8.11 17.34 4.60
C GLU B 22 -8.29 15.87 5.00
N ARG B 23 -9.54 15.44 5.10
CA ARG B 23 -9.85 14.02 5.33
C ARG B 23 -10.28 13.70 3.90
N LEU B 24 -10.96 12.61 3.67
CA LEU B 24 -11.38 12.43 2.31
C LEU B 24 -12.89 12.45 2.23
N GLU B 25 -13.49 13.58 2.62
CA GLU B 25 -14.93 13.70 2.61
C GLU B 25 -15.34 15.17 2.77
N ASP B 26 -14.56 16.02 2.15
CA ASP B 26 -14.76 17.46 2.24
C ASP B 26 -13.98 18.09 1.12
N LEU B 27 -14.38 19.27 0.67
CA LEU B 27 -13.63 19.94 -0.36
C LEU B 27 -13.88 21.41 -0.18
N VAL B 28 -12.80 22.20 -0.12
CA VAL B 28 -12.92 23.65 0.02
C VAL B 28 -12.18 24.27 -1.14
N CYS B 29 -12.81 25.21 -1.83
CA CYS B 29 -12.15 25.94 -2.93
C CYS B 29 -12.33 27.45 -2.70
N PHE B 30 -11.32 28.23 -3.01
CA PHE B 30 -11.40 29.66 -2.78
C PHE B 30 -10.54 30.40 -3.76
N TRP B 31 -10.63 31.73 -3.71
CA TRP B 31 -9.80 32.61 -4.51
C TRP B 31 -9.74 33.87 -3.64
N GLU B 32 -8.89 34.82 -3.99
CA GLU B 32 -8.75 36.04 -3.20
C GLU B 32 -8.56 37.24 -4.09
N GLU B 33 -9.21 38.34 -3.80
CA GLU B 33 -9.04 39.53 -4.65
C GLU B 33 -8.99 40.84 -3.86
N ALA B 34 -8.86 41.96 -4.57
CA ALA B 34 -8.80 43.28 -3.96
C ALA B 34 -10.16 43.64 -3.40
N ALA B 35 -10.17 44.10 -2.16
CA ALA B 35 -11.41 44.49 -1.49
C ALA B 35 -11.97 45.62 -2.34
N SER B 36 -13.22 45.49 -2.76
CA SER B 36 -13.91 46.48 -3.59
C SER B 36 -15.38 46.66 -3.21
N ALA B 37 -15.83 47.90 -3.34
CA ALA B 37 -17.15 48.38 -2.97
C ALA B 37 -18.33 47.47 -3.20
N GLY B 38 -18.95 47.09 -2.10
CA GLY B 38 -20.13 46.23 -2.17
C GLY B 38 -20.09 45.05 -3.13
N VAL B 39 -18.90 44.54 -3.45
CA VAL B 39 -18.73 43.36 -4.30
C VAL B 39 -18.67 42.20 -3.30
N GLY B 40 -19.80 41.54 -3.08
CA GLY B 40 -19.88 40.42 -2.15
C GLY B 40 -20.12 39.15 -2.93
N PRO B 41 -20.42 38.04 -2.26
CA PRO B 41 -20.67 36.80 -2.98
C PRO B 41 -21.79 36.87 -4.04
N GLY B 42 -22.75 37.76 -3.80
CA GLY B 42 -23.88 37.92 -4.71
C GLY B 42 -23.52 38.29 -6.13
N ASN B 43 -22.26 38.64 -6.36
CA ASN B 43 -21.81 39.01 -7.69
C ASN B 43 -21.13 37.86 -8.41
N TYR B 44 -21.08 36.70 -7.74
CA TYR B 44 -20.45 35.52 -8.29
C TYR B 44 -21.31 34.27 -8.17
N SER B 45 -20.99 33.25 -8.94
CA SER B 45 -21.70 32.00 -8.83
C SER B 45 -20.64 30.91 -9.01
N PHE B 46 -20.59 29.96 -8.08
CA PHE B 46 -19.65 28.86 -8.10
C PHE B 46 -20.42 27.55 -8.41
N SER B 47 -20.28 27.09 -9.64
CA SER B 47 -20.95 25.90 -10.16
C SER B 47 -20.04 24.67 -10.28
N TYR B 48 -20.45 23.52 -9.73
CA TYR B 48 -19.67 22.30 -9.84
C TYR B 48 -20.49 21.16 -10.39
N GLN B 49 -19.84 20.11 -10.84
CA GLN B 49 -20.58 18.99 -11.38
C GLN B 49 -19.77 17.72 -11.34
N LEU B 50 -20.23 16.72 -10.60
CA LEU B 50 -19.47 15.49 -10.60
C LEU B 50 -19.82 14.90 -11.94
N GLU B 51 -18.82 14.38 -12.65
CA GLU B 51 -18.99 13.76 -13.97
C GLU B 51 -20.22 12.86 -13.96
N ASP B 52 -21.17 13.16 -14.85
CA ASP B 52 -22.45 12.43 -14.95
C ASP B 52 -23.43 12.71 -13.82
N GLU B 53 -23.44 13.95 -13.32
CA GLU B 53 -24.38 14.27 -12.24
C GLU B 53 -24.99 15.61 -12.62
N PRO B 54 -26.17 15.98 -12.06
CA PRO B 54 -26.73 17.28 -12.45
C PRO B 54 -25.75 18.40 -11.98
N TRP B 55 -25.66 19.49 -12.76
CA TRP B 55 -24.78 20.65 -12.43
C TRP B 55 -25.24 21.17 -11.06
N LYS B 56 -24.30 21.64 -10.27
CA LYS B 56 -24.63 22.15 -8.97
C LYS B 56 -23.98 23.51 -8.65
N LEU B 57 -24.57 24.23 -7.73
CA LEU B 57 -24.10 25.55 -7.39
C LEU B 57 -23.90 25.67 -5.92
N CYS B 58 -22.71 25.95 -5.47
CA CYS B 58 -22.60 26.07 -4.05
C CYS B 58 -22.54 27.51 -3.52
N ARG B 59 -22.73 27.64 -2.21
CA ARG B 59 -22.72 28.91 -1.49
C ARG B 59 -21.30 29.48 -1.36
N LEU B 60 -21.16 30.73 -1.82
CA LEU B 60 -19.91 31.49 -1.79
C LEU B 60 -19.95 32.19 -0.46
N HIS B 61 -18.79 32.39 0.12
CA HIS B 61 -18.69 33.10 1.39
C HIS B 61 -17.61 34.16 1.23
N GLN B 62 -17.38 34.96 2.26
CA GLN B 62 -16.34 35.95 2.21
C GLN B 62 -15.82 36.14 3.60
N ALA B 63 -14.54 36.44 3.67
CA ALA B 63 -13.82 36.67 4.92
C ALA B 63 -12.58 37.45 4.51
N PRO B 64 -11.91 38.13 5.48
CA PRO B 64 -10.74 38.83 4.93
C PRO B 64 -9.46 38.06 5.07
N THR B 65 -8.56 38.39 4.17
CA THR B 65 -7.24 37.84 4.14
C THR B 65 -6.47 38.65 5.17
N ALA B 66 -5.53 38.01 5.86
CA ALA B 66 -4.73 38.70 6.89
C ALA B 66 -3.97 39.86 6.25
N ARG B 67 -3.95 39.90 4.93
CA ARG B 67 -3.30 40.95 4.17
C ARG B 67 -4.21 42.04 3.61
N GLY B 68 -5.48 42.07 3.99
CA GLY B 68 -6.40 43.09 3.50
C GLY B 68 -7.13 42.85 2.20
N ALA B 69 -6.85 41.68 1.58
CA ALA B 69 -7.52 41.24 0.35
C ALA B 69 -8.76 40.47 0.81
N VAL B 70 -9.64 40.12 -0.12
CA VAL B 70 -10.82 39.39 0.29
C VAL B 70 -10.75 37.96 -0.22
N ARG B 71 -11.44 37.06 0.45
CA ARG B 71 -11.41 35.67 0.06
C ARG B 71 -12.83 35.16 -0.08
N PHE B 72 -13.10 34.54 -1.20
CA PHE B 72 -14.39 33.99 -1.47
C PHE B 72 -14.32 32.47 -1.43
N TRP B 73 -15.26 31.82 -0.76
CA TRP B 73 -15.19 30.36 -0.74
C TRP B 73 -16.47 29.49 -0.67
N CYS B 74 -16.32 28.26 -1.14
CA CYS B 74 -17.37 27.26 -1.13
C CYS B 74 -16.90 25.98 -0.46
N SER B 75 -17.83 25.30 0.20
CA SER B 75 -17.54 24.03 0.85
C SER B 75 -18.56 23.07 0.27
N LEU B 76 -18.11 22.05 -0.47
CA LEU B 76 -19.02 21.07 -1.06
C LEU B 76 -19.54 20.19 0.07
N PRO B 77 -20.83 19.80 0.00
CA PRO B 77 -21.43 18.95 1.02
C PRO B 77 -20.84 17.56 0.81
N THR B 78 -20.35 16.96 1.89
CA THR B 78 -19.73 15.64 1.85
C THR B 78 -20.23 14.75 0.75
N ALA B 79 -21.55 14.60 0.67
CA ALA B 79 -22.23 13.73 -0.30
C ALA B 79 -21.69 13.81 -1.72
N ASP B 80 -21.11 14.94 -2.08
CA ASP B 80 -20.56 15.12 -3.41
C ASP B 80 -19.05 15.08 -3.43
N THR B 81 -18.44 14.80 -2.29
CA THR B 81 -16.99 14.78 -2.18
C THR B 81 -16.35 13.47 -2.54
N SER B 82 -16.88 12.79 -3.55
CA SER B 82 -16.34 11.50 -3.99
C SER B 82 -15.06 11.57 -4.80
N SER B 83 -14.17 10.62 -4.52
CA SER B 83 -12.90 10.54 -5.20
C SER B 83 -13.02 9.73 -6.47
N PHE B 84 -11.90 9.61 -7.16
CA PHE B 84 -11.75 8.83 -8.38
C PHE B 84 -12.59 9.21 -9.59
N VAL B 85 -13.14 10.43 -9.57
CA VAL B 85 -13.98 11.03 -10.64
C VAL B 85 -13.63 12.50 -10.90
N PRO B 86 -13.71 12.93 -12.17
CA PRO B 86 -13.44 14.28 -12.68
C PRO B 86 -14.45 15.35 -12.22
N LEU B 87 -13.99 16.24 -11.35
CA LEU B 87 -14.82 17.33 -10.83
C LEU B 87 -14.54 18.62 -11.59
N GLU B 88 -15.56 19.10 -12.30
CA GLU B 88 -15.49 20.34 -13.06
C GLU B 88 -15.98 21.54 -12.23
N LEU B 89 -15.19 22.60 -12.18
CA LEU B 89 -15.51 23.80 -11.42
C LEU B 89 -15.60 25.00 -12.34
N ARG B 90 -16.55 25.88 -12.03
CA ARG B 90 -16.79 27.06 -12.83
C ARG B 90 -17.14 28.22 -11.93
N VAL B 91 -16.34 29.29 -11.93
CA VAL B 91 -16.66 30.50 -11.15
C VAL B 91 -16.98 31.55 -12.17
N THR B 92 -18.18 32.12 -12.10
CA THR B 92 -18.59 33.15 -13.05
C THR B 92 -19.09 34.41 -12.39
N ALA B 93 -18.79 35.54 -13.01
CA ALA B 93 -19.25 36.84 -12.52
C ALA B 93 -20.68 36.94 -12.98
N ALA B 94 -21.52 37.64 -12.20
CA ALA B 94 -22.95 37.84 -12.52
C ALA B 94 -23.21 38.59 -13.84
N SER B 95 -22.16 39.07 -14.49
CA SER B 95 -22.32 39.77 -15.76
C SER B 95 -22.26 38.76 -16.90
N GLY B 96 -21.89 37.51 -16.57
CA GLY B 96 -21.79 36.46 -17.55
C GLY B 96 -20.35 36.10 -17.83
N ALA B 97 -19.46 37.00 -17.43
CA ALA B 97 -18.04 36.85 -17.65
C ALA B 97 -17.43 35.76 -16.81
N PRO B 98 -16.64 34.89 -17.44
CA PRO B 98 -15.99 33.78 -16.77
C PRO B 98 -14.73 34.17 -15.99
N ARG B 99 -14.69 33.77 -14.72
CA ARG B 99 -13.55 34.00 -13.85
C ARG B 99 -12.66 32.77 -13.88
N TYR B 100 -13.16 31.60 -13.53
CA TYR B 100 -12.31 30.41 -13.50
C TYR B 100 -12.95 29.13 -14.01
N HIS B 101 -12.12 28.24 -14.53
CA HIS B 101 -12.60 26.94 -14.99
C HIS B 101 -11.49 25.94 -14.64
N ARG B 102 -11.87 24.84 -14.03
CA ARG B 102 -10.91 23.88 -13.60
C ARG B 102 -11.61 22.55 -13.57
N VAL B 103 -10.83 21.48 -13.66
CA VAL B 103 -11.33 20.11 -13.57
C VAL B 103 -10.33 19.49 -12.59
N ILE B 104 -10.78 18.81 -11.55
CA ILE B 104 -9.84 18.22 -10.62
C ILE B 104 -10.28 16.84 -10.20
N HIS B 105 -9.42 16.20 -9.42
CA HIS B 105 -9.72 14.90 -8.82
C HIS B 105 -9.53 15.20 -7.34
N ILE B 106 -10.55 14.97 -6.53
CA ILE B 106 -10.43 15.30 -5.12
C ILE B 106 -9.33 14.47 -4.45
N ASN B 107 -9.09 13.28 -4.99
CA ASN B 107 -8.08 12.36 -4.44
C ASN B 107 -6.62 12.80 -4.73
N GLU B 108 -6.44 13.80 -5.59
CA GLU B 108 -5.12 14.30 -5.95
C GLU B 108 -4.80 15.66 -5.33
N VAL B 109 -5.71 16.21 -4.54
CA VAL B 109 -5.48 17.51 -3.93
C VAL B 109 -5.63 17.41 -2.44
N VAL B 110 -4.89 16.49 -1.84
CA VAL B 110 -4.97 16.34 -0.40
C VAL B 110 -3.96 17.24 0.31
N LEU B 111 -4.35 17.75 1.48
CA LEU B 111 -3.51 18.62 2.31
C LEU B 111 -3.83 18.26 3.75
N LEU B 112 -3.18 17.20 4.21
CA LEU B 112 -3.36 16.67 5.55
C LEU B 112 -2.97 17.59 6.67
N ASP B 113 -3.54 17.31 7.84
CA ASP B 113 -3.20 18.02 9.06
C ASP B 113 -1.83 17.40 9.31
N ALA B 114 -1.00 18.09 10.08
CA ALA B 114 0.33 17.62 10.38
C ALA B 114 0.28 16.55 11.49
N PRO B 115 1.36 15.74 11.61
CA PRO B 115 1.52 14.68 12.60
C PRO B 115 1.61 15.16 14.05
N VAL B 116 1.06 14.40 14.98
CA VAL B 116 1.12 14.71 16.41
C VAL B 116 2.06 13.75 17.14
N GLY B 117 2.14 13.92 18.46
CA GLY B 117 2.95 13.09 19.35
C GLY B 117 4.43 12.78 19.11
N LEU B 118 5.15 13.69 18.46
CA LEU B 118 6.58 13.48 18.19
C LEU B 118 7.41 13.29 19.48
N VAL B 119 8.00 12.10 19.63
CA VAL B 119 8.87 11.79 20.75
C VAL B 119 10.19 11.29 20.20
N ALA B 120 11.27 11.83 20.78
CA ALA B 120 12.65 11.47 20.40
C ALA B 120 13.21 10.65 21.57
N ARG B 121 14.22 9.81 21.29
CA ARG B 121 14.83 8.97 22.33
C ARG B 121 16.22 8.49 21.98
N LEU B 122 17.04 8.32 23.00
CA LEU B 122 18.39 7.84 22.77
C LEU B 122 18.36 6.36 22.82
N ALA B 123 18.52 5.76 21.71
CA ALA B 123 18.60 4.32 21.75
C ALA B 123 19.85 4.01 22.56
N ASP B 124 19.66 4.05 23.86
CA ASP B 124 20.72 3.89 24.88
C ASP B 124 21.78 2.78 24.54
N GLU B 125 21.36 1.61 24.08
CA GLU B 125 22.31 0.46 23.91
C GLU B 125 23.25 0.60 22.69
N SER B 126 22.87 1.45 21.76
CA SER B 126 23.67 1.68 20.55
C SER B 126 24.27 3.08 20.58
N GLY B 127 23.50 3.97 21.15
CA GLY B 127 23.87 5.36 21.29
C GLY B 127 23.34 6.19 20.12
N HIS B 128 22.04 6.41 20.11
CA HIS B 128 21.52 7.29 19.07
C HIS B 128 20.06 7.65 19.19
N VAL B 129 19.63 8.15 18.05
CA VAL B 129 18.34 8.76 17.88
C VAL B 129 17.26 7.87 17.32
N VAL B 130 16.25 7.68 18.16
CA VAL B 130 15.09 6.90 17.81
C VAL B 130 13.85 7.82 17.77
N LEU B 131 13.44 8.08 16.51
CA LEU B 131 12.34 8.95 16.11
C LEU B 131 10.98 8.29 15.91
N ARG B 132 10.03 8.57 16.80
CA ARG B 132 8.67 8.03 16.63
C ARG B 132 7.56 9.14 16.61
N TRP B 133 6.37 8.85 16.07
CA TRP B 133 5.26 9.85 16.00
C TRP B 133 3.87 9.33 15.59
N LEU B 134 2.86 10.23 15.58
CA LEU B 134 1.47 9.88 15.17
C LEU B 134 1.01 10.57 13.89
N PRO B 135 0.14 9.91 13.10
CA PRO B 135 -0.39 10.47 11.84
C PRO B 135 -1.37 11.60 12.14
N PRO B 136 -1.78 12.39 11.10
CA PRO B 136 -2.72 13.52 11.22
C PRO B 136 -3.91 12.97 11.96
N PRO B 137 -4.30 13.63 13.05
CA PRO B 137 -5.44 13.10 13.80
C PRO B 137 -6.72 13.00 12.97
N GLU B 138 -7.63 12.15 13.43
CA GLU B 138 -8.88 11.93 12.75
C GLU B 138 -8.84 11.93 11.21
N THR B 139 -7.81 11.30 10.63
CA THR B 139 -7.59 11.16 9.17
C THR B 139 -7.57 9.64 8.80
N PRO B 140 -8.24 9.26 7.69
CA PRO B 140 -8.25 7.84 7.32
C PRO B 140 -7.09 7.47 6.45
N MET B 141 -7.18 6.25 5.92
CA MET B 141 -6.20 5.63 5.02
C MET B 141 -4.75 5.78 5.49
N THR B 142 -4.59 5.59 6.78
CA THR B 142 -3.31 5.74 7.48
C THR B 142 -2.13 5.12 6.67
N SER B 143 -2.35 3.91 6.10
CA SER B 143 -1.23 3.17 5.43
C SER B 143 -0.94 3.66 3.99
N HIS B 144 -1.31 4.89 3.74
CA HIS B 144 -1.01 5.49 2.44
C HIS B 144 -0.06 6.65 2.66
N ILE B 145 -0.07 7.18 3.87
CA ILE B 145 0.71 8.39 4.21
C ILE B 145 2.24 8.19 4.28
N ARG B 146 2.89 8.94 3.40
CA ARG B 146 4.34 9.05 3.29
C ARG B 146 4.77 10.14 4.31
N TYR B 147 5.99 10.06 4.82
CA TYR B 147 6.47 11.06 5.77
C TYR B 147 7.77 11.67 5.34
N GLU B 148 8.17 12.74 6.05
CA GLU B 148 9.42 13.49 5.83
C GLU B 148 9.93 14.02 7.14
N VAL B 149 11.13 13.56 7.51
CA VAL B 149 11.82 13.95 8.74
C VAL B 149 12.87 15.04 8.46
N ASP B 150 12.85 16.09 9.28
CA ASP B 150 13.77 17.20 9.14
C ASP B 150 14.69 17.34 10.33
N VAL B 151 15.90 16.78 10.21
CA VAL B 151 16.93 16.85 11.25
C VAL B 151 17.69 18.18 11.19
N SER B 152 18.03 18.73 12.36
CA SER B 152 18.72 20.01 12.40
C SER B 152 19.37 20.42 13.74
N ALA B 153 20.45 21.22 13.54
CA ALA B 153 20.28 22.54 14.82
C ALA B 153 21.81 22.51 14.87
N GLY B 154 22.33 22.42 16.10
CA GLY B 154 23.77 22.36 16.36
C GLY B 154 24.64 23.55 15.94
N ASN B 155 24.39 24.71 16.57
CA ASN B 155 25.07 25.99 16.31
C ASN B 155 25.98 26.17 15.07
N GLY B 156 25.60 27.13 14.21
CA GLY B 156 26.41 27.43 13.03
C GLY B 156 26.23 26.44 11.89
N ALA B 157 26.05 25.18 12.23
CA ALA B 157 25.77 24.20 11.21
C ALA B 157 24.31 24.56 10.93
N GLY B 158 23.98 24.74 9.65
CA GLY B 158 22.62 25.06 9.30
C GLY B 158 21.98 23.78 8.79
N SER B 159 22.26 22.69 9.49
CA SER B 159 21.72 21.36 9.10
C SER B 159 20.24 21.55 9.23
N VAL B 160 19.56 21.25 8.12
CA VAL B 160 18.08 21.27 7.99
C VAL B 160 17.84 19.94 7.24
N GLN B 161 18.74 18.99 7.53
CA GLN B 161 18.73 17.68 6.90
C GLN B 161 17.39 16.91 6.97
N ARG B 162 16.97 16.41 5.81
CA ARG B 162 15.73 15.71 5.66
C ARG B 162 15.83 14.27 5.11
N VAL B 163 15.00 13.38 5.66
CA VAL B 163 15.00 11.99 5.21
C VAL B 163 13.55 11.59 4.91
N GLU B 164 13.34 11.00 3.75
CA GLU B 164 12.01 10.56 3.35
C GLU B 164 11.60 9.45 4.31
N ILE B 165 10.37 9.00 4.21
CA ILE B 165 9.88 7.90 5.03
C ILE B 165 8.78 7.22 4.21
N LEU B 166 8.84 5.89 4.12
CA LEU B 166 7.81 5.17 3.40
C LEU B 166 6.52 5.23 4.24
N GLU B 167 5.40 5.06 3.53
CA GLU B 167 4.06 5.11 4.09
C GLU B 167 3.82 4.26 5.29
N GLY B 168 2.74 4.58 5.99
CA GLY B 168 2.35 3.84 7.16
C GLY B 168 3.41 3.70 8.21
N ARG B 169 4.59 4.28 7.97
CA ARG B 169 5.67 4.19 8.94
C ARG B 169 5.61 5.35 9.93
N THR B 170 5.79 5.07 11.23
CA THR B 170 5.78 6.12 12.24
C THR B 170 6.94 5.98 13.24
N GLU B 171 8.12 5.63 12.72
CA GLU B 171 9.33 5.46 13.53
C GLU B 171 10.55 5.48 12.62
N CYS B 172 11.58 6.18 13.05
CA CYS B 172 12.81 6.30 12.26
C CYS B 172 13.98 6.42 13.23
N VAL B 173 14.96 5.55 13.07
CA VAL B 173 16.10 5.62 13.95
C VAL B 173 17.26 6.37 13.27
N LEU B 174 17.41 7.64 13.66
CA LEU B 174 18.51 8.47 13.15
C LEU B 174 19.67 7.80 13.88
N SER B 175 20.15 6.73 13.26
CA SER B 175 21.21 5.93 13.85
C SER B 175 22.54 6.59 14.03
N ASN B 176 23.06 7.13 12.95
CA ASN B 176 24.42 7.64 12.98
C ASN B 176 24.65 9.12 12.73
N LEU B 177 25.12 9.86 13.75
CA LEU B 177 25.35 11.30 13.57
C LEU B 177 26.40 12.06 14.42
N ARG B 178 26.13 12.41 15.67
CA ARG B 178 27.10 13.25 16.44
C ARG B 178 27.11 12.90 17.95
N GLY B 179 27.97 13.62 18.68
CA GLY B 179 28.07 13.54 20.15
C GLY B 179 27.98 14.98 20.67
N ARG B 180 27.19 15.19 21.70
CA ARG B 180 27.03 16.55 22.29
C ARG B 180 26.65 17.57 21.21
N THR B 181 25.49 17.35 20.62
CA THR B 181 24.95 18.25 19.61
C THR B 181 23.50 18.53 19.94
N ARG B 182 23.14 19.79 19.92
CA ARG B 182 21.73 20.15 20.10
C ARG B 182 21.06 19.78 18.79
N TYR B 183 19.95 19.12 18.88
CA TYR B 183 19.24 18.69 17.68
C TYR B 183 17.76 18.94 17.83
N THR B 184 17.13 19.51 16.80
CA THR B 184 15.69 19.76 16.83
C THR B 184 15.13 19.09 15.58
N PHE B 185 13.98 18.43 15.74
CA PHE B 185 13.33 17.66 14.69
C PHE B 185 11.86 17.99 14.53
N ALA B 186 11.36 17.82 13.31
CA ALA B 186 9.95 18.02 12.94
C ALA B 186 9.62 17.13 11.73
N VAL B 187 8.33 16.93 11.43
CA VAL B 187 7.94 16.06 10.29
C VAL B 187 6.63 16.35 9.54
N ARG B 188 6.66 16.18 8.22
CA ARG B 188 5.49 16.40 7.36
C ARG B 188 4.80 15.10 6.88
N ALA B 189 3.48 15.18 6.65
CA ALA B 189 2.67 14.07 6.18
C ALA B 189 2.18 14.38 4.76
N ARG B 190 2.04 13.36 3.90
CA ARG B 190 1.61 13.54 2.51
C ARG B 190 0.96 12.23 2.03
N MET B 191 -0.15 12.32 1.32
CA MET B 191 -0.82 11.11 0.84
C MET B 191 0.02 10.58 -0.27
N ALA B 192 0.21 9.28 -0.27
CA ALA B 192 1.06 8.68 -1.26
C ALA B 192 0.43 8.24 -2.57
N GLU B 193 1.30 8.18 -3.56
CA GLU B 193 0.96 7.75 -4.89
C GLU B 193 0.78 6.23 -4.97
N PRO B 194 0.16 5.77 -6.06
CA PRO B 194 -0.31 6.68 -7.11
C PRO B 194 -1.82 6.96 -7.03
N SER B 195 -2.53 6.33 -6.09
CA SER B 195 -3.97 6.56 -5.93
C SER B 195 -4.24 8.05 -5.61
N PHE B 196 -3.69 8.50 -4.49
CA PHE B 196 -3.83 9.84 -4.01
C PHE B 196 -2.72 10.72 -4.52
N GLY B 197 -2.82 12.00 -4.19
CA GLY B 197 -1.86 13.01 -4.57
C GLY B 197 -2.23 14.20 -3.69
N GLY B 198 -1.46 15.29 -3.74
CA GLY B 198 -1.77 16.46 -2.93
C GLY B 198 -0.65 17.43 -2.61
N PHE B 199 -0.61 17.88 -1.35
CA PHE B 199 0.39 18.83 -0.91
C PHE B 199 0.99 18.49 0.45
N TRP B 200 2.26 18.87 0.60
CA TRP B 200 3.01 18.70 1.84
C TRP B 200 2.37 19.43 3.04
N SER B 201 2.10 18.72 4.13
CA SER B 201 1.48 19.36 5.27
C SER B 201 2.46 20.32 5.96
N ALA B 202 1.98 21.02 6.96
CA ALA B 202 2.84 21.90 7.69
C ALA B 202 3.73 21.01 8.57
N TRP B 203 4.87 21.51 9.00
CA TRP B 203 5.73 20.74 9.89
C TRP B 203 4.97 20.47 11.20
N SER B 204 5.26 19.31 11.78
CA SER B 204 4.68 18.86 13.05
C SER B 204 5.52 19.53 14.12
N GLU B 205 4.95 19.81 15.27
CA GLU B 205 5.74 20.44 16.35
C GLU B 205 7.08 19.74 16.64
N PRO B 206 8.18 20.51 16.55
CA PRO B 206 9.57 20.10 16.76
C PRO B 206 9.83 19.45 18.09
N VAL B 207 10.91 18.68 18.11
CA VAL B 207 11.35 17.97 19.29
C VAL B 207 12.86 18.20 19.29
N SER B 208 13.41 18.52 20.46
CA SER B 208 14.82 18.79 20.63
C SER B 208 15.58 17.85 21.55
N LEU B 209 16.60 17.19 20.98
CA LEU B 209 17.48 16.29 21.73
C LEU B 209 18.80 17.09 21.91
N LEU B 210 19.78 16.53 22.64
CA LEU B 210 21.08 17.21 22.88
C LEU B 210 22.24 16.20 23.01
N THR B 211 22.31 15.22 22.11
CA THR B 211 23.31 14.12 22.11
C THR B 211 24.23 14.03 23.34
N THR C 3 -19.17 2.55 -0.56
CA THR C 3 -18.92 3.90 -1.10
C THR C 3 -18.41 3.80 -2.55
N TYR C 4 -17.34 3.03 -2.76
CA TYR C 4 -16.75 2.88 -4.09
C TYR C 4 -16.86 1.47 -4.58
N SER C 5 -16.72 1.27 -5.87
CA SER C 5 -16.77 -0.05 -6.49
C SER C 5 -15.36 -0.36 -7.03
N CYS C 6 -14.74 -1.39 -6.47
CA CYS C 6 -13.38 -1.76 -6.83
C CYS C 6 -13.06 -3.17 -7.28
N HIS C 7 -11.98 -3.26 -8.03
CA HIS C 7 -11.49 -4.50 -8.51
C HIS C 7 -9.97 -4.50 -8.48
N PHE C 8 -9.38 -5.68 -8.52
CA PHE C 8 -7.93 -5.79 -8.51
C PHE C 8 -7.39 -5.37 -9.89
N GLY C 9 -6.51 -4.38 -9.90
CA GLY C 9 -5.91 -3.92 -11.13
C GLY C 9 -4.53 -4.53 -11.22
N PRO C 10 -3.70 -4.17 -12.19
CA PRO C 10 -2.39 -4.83 -12.23
C PRO C 10 -1.49 -4.26 -11.18
N LEU C 11 -1.72 -3.08 -10.63
CA LEU C 11 -0.89 -2.45 -9.63
C LEU C 11 -1.55 -2.45 -8.28
N THR C 12 -2.74 -1.88 -8.23
CA THR C 12 -3.48 -1.78 -6.98
C THR C 12 -4.95 -1.60 -7.36
N TRP C 13 -5.82 -1.29 -6.37
CA TRP C 13 -7.26 -1.08 -6.61
C TRP C 13 -7.62 0.00 -7.66
N VAL C 14 -8.65 -0.33 -8.45
CA VAL C 14 -9.14 0.58 -9.45
C VAL C 14 -10.53 0.81 -8.90
N CYS C 15 -10.75 1.95 -8.29
CA CYS C 15 -12.04 2.23 -7.70
C CYS C 15 -12.86 3.24 -8.46
N LYS C 16 -14.08 3.45 -8.00
CA LYS C 16 -15.00 4.32 -8.66
C LYS C 16 -16.15 4.49 -7.69
N PRO C 17 -16.78 5.68 -7.66
CA PRO C 17 -17.90 5.92 -6.77
C PRO C 17 -19.17 5.18 -7.23
N GLN C 18 -19.75 4.42 -6.30
CA GLN C 18 -20.98 3.67 -6.51
C GLN C 18 -22.04 4.74 -6.42
N THR D 3 -18.03 -5.37 -8.39
CA THR D 3 -17.13 -6.46 -7.98
C THR D 3 -16.97 -6.49 -6.44
N TYR D 4 -16.24 -5.52 -5.83
CA TYR D 4 -16.12 -5.42 -4.35
C TYR D 4 -16.62 -4.03 -3.94
N SER D 5 -17.12 -3.89 -2.73
CA SER D 5 -17.58 -2.60 -2.23
C SER D 5 -16.70 -2.17 -1.05
N CYS D 6 -15.81 -1.24 -1.33
CA CYS D 6 -14.86 -0.79 -0.34
C CYS D 6 -15.13 0.64 0.05
N HIS D 7 -14.69 0.98 1.25
CA HIS D 7 -14.81 2.32 1.77
C HIS D 7 -13.53 2.53 2.51
N PHE D 8 -13.10 3.78 2.66
CA PHE D 8 -11.89 4.08 3.41
C PHE D 8 -12.03 3.48 4.80
N GLY D 9 -10.90 3.19 5.40
CA GLY D 9 -10.89 2.64 6.73
C GLY D 9 -9.72 3.34 7.37
N PRO D 10 -9.46 3.03 8.62
CA PRO D 10 -8.36 3.62 9.38
C PRO D 10 -7.02 3.41 8.68
N LEU D 11 -6.71 2.15 8.36
CA LEU D 11 -5.45 1.74 7.71
C LEU D 11 -5.50 1.75 6.21
N THR D 12 -6.50 1.09 5.66
CA THR D 12 -6.56 1.01 4.24
C THR D 12 -7.99 0.61 3.91
N TRP D 13 -8.34 0.43 2.64
CA TRP D 13 -9.72 0.04 2.24
C TRP D 13 -10.38 -1.08 3.07
N VAL D 14 -11.67 -1.28 2.85
CA VAL D 14 -12.44 -2.33 3.51
C VAL D 14 -13.46 -2.82 2.49
N CYS D 15 -13.18 -3.95 1.86
CA CYS D 15 -14.07 -4.50 0.86
C CYS D 15 -14.83 -5.71 1.28
N LYS D 16 -15.86 -5.98 0.50
CA LYS D 16 -16.69 -7.14 0.68
C LYS D 16 -17.13 -7.37 -0.76
N PRO D 17 -17.20 -8.65 -1.18
CA PRO D 17 -17.62 -8.90 -2.55
C PRO D 17 -19.09 -8.55 -2.76
N GLN D 18 -19.36 -7.98 -3.93
CA GLN D 18 -20.70 -7.63 -4.32
C GLN D 18 -21.33 -8.91 -4.88
#